data_7S0J
#
_entry.id   7S0J
#
_cell.length_a   56.174
_cell.length_b   67.051
_cell.length_c   65.030
_cell.angle_alpha   90.000
_cell.angle_beta   107.640
_cell.angle_gamma   90.000
#
_symmetry.space_group_name_H-M   'P 1 21 1'
#
loop_
_entity.id
_entity.type
_entity.pdbx_description
1 polymer '769B10 Fab Light chain'
2 polymer '769B10 Fab Heavy chain'
3 non-polymer GLYCEROL
4 water water
#
loop_
_entity_poly.entity_id
_entity_poly.type
_entity_poly.pdbx_seq_one_letter_code
_entity_poly.pdbx_strand_id
1 'polypeptide(L)'
;DIQMTQSPSSLSASLGDSVTITCRASQTMSNFLNWYQQKPGKAPKFLIYAASRLQSGVPSRFSGSGSGTQFTLTISNLQP
EDFATYYCQQSFLFPYTFGGGTKVEVERTVAAPSVFIFPPSDEQLKSGTASVVCLLNNFYPREAKVQWKVDNALQSGNSQ
ESVTEQDSKDSTYSLSSTLTLSKADYEKHKVYACEVTHQGLSSPVTKSFNRGEC
;
L
2 'polypeptide(L)'
;EVQLVESGGGIVQPGGSLRVSCAASGFSLSDHYMDWVRQAPGRGLEWVGRSRNKENSFTTEFAASVRRRFTISRDDSNSL
LHLQMNNLKSEDTAVYFCARVGYYDLWSGYSGNWYIDVWGRGTLVIVSSASTKGPSVFPLAPSSKSTSGGTAALGCLVKD
YFPEPVTVSWNSGVLTSGVHTFPAVLQSSGLYSLSSVVTVPSSSLGTQTYICNVNHKPSNTKVDKKVEPKSCDK
;
H
#
# COMPACT_ATOMS: atom_id res chain seq x y z
N ASP A 1 4.07 23.67 1.69
CA ASP A 1 3.22 24.79 2.10
C ASP A 1 1.75 24.44 1.97
N ILE A 2 1.25 24.46 0.74
CA ILE A 2 -0.12 24.06 0.47
C ILE A 2 -0.26 22.57 0.75
N GLN A 3 -1.31 22.20 1.47
CA GLN A 3 -1.63 20.80 1.76
C GLN A 3 -3.03 20.50 1.26
N MET A 4 -3.17 19.40 0.53
CA MET A 4 -4.44 18.99 -0.04
C MET A 4 -5.05 17.88 0.81
N THR A 5 -6.33 18.03 1.13
CA THR A 5 -7.07 17.04 1.91
C THR A 5 -8.23 16.53 1.08
N GLN A 6 -8.26 15.22 0.85
CA GLN A 6 -9.31 14.60 0.07
C GLN A 6 -10.34 13.94 0.97
N SER A 7 -11.60 13.94 0.52
CA SER A 7 -12.69 13.38 1.30
C SER A 7 -13.76 12.81 0.39
N PRO A 8 -14.29 11.62 0.72
CA PRO A 8 -13.79 10.80 1.83
C PRO A 8 -12.55 10.02 1.42
N SER A 9 -11.84 9.45 2.40
CA SER A 9 -10.66 8.65 2.05
C SER A 9 -11.06 7.33 1.39
N SER A 10 -12.25 6.84 1.69
CA SER A 10 -12.78 5.62 1.09
C SER A 10 -14.22 5.86 0.65
N LEU A 11 -14.53 5.46 -0.57
CA LEU A 11 -15.86 5.65 -1.15
C LEU A 11 -16.32 4.34 -1.78
N SER A 12 -17.56 3.97 -1.54
CA SER A 12 -18.12 2.75 -2.10
C SER A 12 -19.38 3.08 -2.89
N ALA A 13 -19.52 2.44 -4.05
CA ALA A 13 -20.70 2.61 -4.89
C ALA A 13 -20.81 1.41 -5.81
N SER A 14 -21.92 1.37 -6.56
CA SER A 14 -22.17 0.32 -7.52
C SER A 14 -22.10 0.86 -8.94
N LEU A 15 -22.27 -0.04 -9.90
CA LEU A 15 -22.34 0.37 -11.29
C LEU A 15 -23.54 1.27 -11.52
N GLY A 16 -23.35 2.35 -12.27
CA GLY A 16 -24.40 3.29 -12.56
C GLY A 16 -24.56 4.41 -11.55
N ASP A 17 -23.92 4.30 -10.38
CA ASP A 17 -23.97 5.38 -9.41
C ASP A 17 -23.12 6.56 -9.88
N SER A 18 -23.35 7.71 -9.26
CA SER A 18 -22.58 8.92 -9.52
C SER A 18 -21.87 9.30 -8.23
N VAL A 19 -20.55 9.23 -8.24
CA VAL A 19 -19.74 9.48 -7.05
C VAL A 19 -19.10 10.85 -7.16
N THR A 20 -18.85 11.46 -6.00
CA THR A 20 -18.24 12.78 -5.90
C THR A 20 -17.10 12.75 -4.90
N ILE A 21 -15.95 13.25 -5.31
CA ILE A 21 -14.73 13.28 -4.50
C ILE A 21 -14.35 14.73 -4.28
N THR A 22 -14.11 15.12 -3.03
CA THR A 22 -13.80 16.49 -2.67
C THR A 22 -12.32 16.63 -2.35
N CYS A 23 -11.73 17.72 -2.82
CA CYS A 23 -10.33 18.06 -2.56
C CYS A 23 -10.28 19.49 -2.05
N ARG A 24 -9.73 19.67 -0.84
CA ARG A 24 -9.70 20.98 -0.19
C ARG A 24 -8.25 21.41 0.03
N ALA A 25 -7.95 22.64 -0.36
CA ALA A 25 -6.63 23.22 -0.20
C ALA A 25 -6.60 24.12 1.03
N SER A 26 -5.46 24.15 1.72
CA SER A 26 -5.34 24.97 2.92
C SER A 26 -5.28 26.46 2.60
N GLN A 27 -5.02 26.83 1.35
CA GLN A 27 -5.04 28.22 0.94
C GLN A 27 -5.54 28.31 -0.50
N THR A 28 -6.03 29.49 -0.86
CA THR A 28 -6.68 29.67 -2.15
C THR A 28 -5.68 29.50 -3.28
N MET A 29 -6.13 28.86 -4.38
CA MET A 29 -5.23 28.50 -5.47
C MET A 29 -5.91 28.53 -6.83
N SER A 30 -6.89 29.42 -7.03
CA SER A 30 -7.59 29.55 -8.29
C SER A 30 -8.16 28.22 -8.77
N ASN A 31 -7.74 27.76 -9.95
CA ASN A 31 -8.24 26.52 -10.52
C ASN A 31 -7.10 25.61 -10.99
N PHE A 32 -5.92 25.76 -10.41
CA PHE A 32 -4.75 25.01 -10.85
C PHE A 32 -4.67 23.66 -10.14
N LEU A 33 -5.67 22.83 -10.41
CA LEU A 33 -5.86 21.55 -9.75
C LEU A 33 -6.03 20.47 -10.80
N ASN A 34 -5.24 19.40 -10.70
CA ASN A 34 -5.28 18.29 -11.62
C ASN A 34 -5.72 17.03 -10.90
N TRP A 35 -6.35 16.12 -11.64
CA TRP A 35 -6.88 14.86 -11.13
C TRP A 35 -6.24 13.70 -11.87
N TYR A 36 -5.75 12.72 -11.11
CA TYR A 36 -5.12 11.52 -11.63
C TYR A 36 -5.81 10.27 -11.07
N GLN A 37 -5.77 9.19 -11.84
CA GLN A 37 -6.34 7.91 -11.47
C GLN A 37 -5.23 6.88 -11.37
N GLN A 38 -5.26 6.07 -10.31
CA GLN A 38 -4.29 5.01 -10.13
C GLN A 38 -4.98 3.76 -9.59
N LYS A 39 -4.70 2.63 -10.22
CA LYS A 39 -5.10 1.29 -9.84
C LYS A 39 -3.93 0.55 -9.20
N PRO A 40 -4.21 -0.43 -8.33
CA PRO A 40 -3.12 -1.12 -7.63
C PRO A 40 -2.16 -1.78 -8.60
N GLY A 41 -0.86 -1.53 -8.38
CA GLY A 41 0.19 -2.12 -9.18
C GLY A 41 0.57 -1.37 -10.43
N LYS A 42 -0.16 -0.32 -10.78
CA LYS A 42 0.06 0.42 -12.01
C LYS A 42 0.38 1.88 -11.71
N ALA A 43 0.88 2.58 -12.73
CA ALA A 43 1.25 3.98 -12.62
C ALA A 43 0.03 4.87 -12.73
N PRO A 44 0.07 6.07 -12.14
CA PRO A 44 -1.08 6.98 -12.24
C PRO A 44 -1.39 7.34 -13.69
N LYS A 45 -2.66 7.68 -13.92
CA LYS A 45 -3.15 8.05 -15.25
C LYS A 45 -3.71 9.46 -15.19
N PHE A 46 -3.26 10.31 -16.12
CA PHE A 46 -3.71 11.70 -16.16
C PHE A 46 -5.16 11.76 -16.60
N LEU A 47 -5.98 12.44 -15.79
CA LEU A 47 -7.42 12.53 -16.05
C LEU A 47 -7.87 13.95 -16.35
N ILE A 48 -7.72 14.88 -15.40
CA ILE A 48 -8.32 16.20 -15.53
C ILE A 48 -7.28 17.26 -15.20
N TYR A 49 -7.25 18.35 -15.95
CA TYR A 49 -6.41 19.53 -15.64
C TYR A 49 -7.28 20.78 -15.50
N ALA A 50 -6.72 21.80 -14.85
CA ALA A 50 -7.37 23.10 -14.63
C ALA A 50 -8.74 22.97 -13.93
N ALA A 51 -8.91 22.00 -13.04
CA ALA A 51 -10.14 21.66 -12.28
C ALA A 51 -11.29 21.02 -13.10
N SER A 52 -11.53 21.45 -14.31
CA SER A 52 -12.70 20.97 -15.09
C SER A 52 -12.39 20.51 -16.51
N ARG A 53 -11.17 20.66 -17.01
CA ARG A 53 -10.84 20.32 -18.41
C ARG A 53 -10.39 18.87 -18.50
N LEU A 54 -11.04 18.13 -19.37
CA LEU A 54 -10.75 16.72 -19.56
C LEU A 54 -9.60 16.54 -20.55
N GLN A 55 -8.71 15.61 -20.24
CA GLN A 55 -7.69 15.20 -21.20
C GLN A 55 -8.34 14.40 -22.32
N SER A 56 -7.85 14.60 -23.54
CA SER A 56 -8.41 13.91 -24.70
C SER A 56 -8.31 12.40 -24.50
N GLY A 57 -9.42 11.71 -24.76
CA GLY A 57 -9.51 10.28 -24.57
C GLY A 57 -10.16 9.84 -23.28
N VAL A 58 -10.36 10.77 -22.35
CA VAL A 58 -11.02 10.43 -21.09
C VAL A 58 -12.55 10.44 -21.30
N PRO A 59 -13.26 9.41 -20.87
CA PRO A 59 -14.70 9.36 -21.13
C PRO A 59 -15.43 10.53 -20.48
N SER A 60 -16.48 11.00 -21.17
CA SER A 60 -17.20 12.20 -20.76
C SER A 60 -17.98 12.01 -19.46
N ARG A 61 -18.03 10.79 -18.91
CA ARG A 61 -18.69 10.60 -17.61
C ARG A 61 -17.87 11.18 -16.47
N PHE A 62 -16.58 11.43 -16.69
CA PHE A 62 -15.77 12.15 -15.72
C PHE A 62 -15.99 13.64 -15.86
N SER A 63 -16.16 14.33 -14.74
CA SER A 63 -16.28 15.78 -14.74
C SER A 63 -15.56 16.35 -13.53
N GLY A 64 -15.15 17.60 -13.65
CA GLY A 64 -14.49 18.28 -12.55
C GLY A 64 -15.05 19.69 -12.38
N SER A 65 -14.96 20.18 -11.16
CA SER A 65 -15.44 21.53 -10.86
C SER A 65 -14.68 22.05 -9.65
N GLY A 66 -14.82 23.35 -9.40
CA GLY A 66 -14.26 23.91 -8.19
C GLY A 66 -13.29 25.06 -8.41
N SER A 67 -13.11 25.96 -7.49
CA SER A 67 -12.14 27.08 -7.56
C SER A 67 -11.72 27.48 -6.15
N GLY A 68 -10.79 28.40 -5.97
CA GLY A 68 -10.39 28.82 -4.63
C GLY A 68 -9.77 27.73 -3.79
N THR A 69 -10.49 27.20 -2.81
CA THR A 69 -9.96 26.19 -1.92
C THR A 69 -10.67 24.84 -2.02
N GLN A 70 -11.75 24.72 -2.79
CA GLN A 70 -12.47 23.46 -2.86
C GLN A 70 -12.72 23.06 -4.31
N PHE A 71 -12.52 21.76 -4.58
CA PHE A 71 -12.69 21.20 -5.90
C PHE A 71 -13.37 19.84 -5.76
N THR A 72 -14.02 19.40 -6.84
CA THR A 72 -14.73 18.13 -6.84
C THR A 72 -14.51 17.42 -8.17
N LEU A 73 -14.43 16.09 -8.09
CA LEU A 73 -14.43 15.20 -9.24
C LEU A 73 -15.67 14.32 -9.17
N THR A 74 -16.45 14.30 -10.23
CA THR A 74 -17.68 13.52 -10.28
C THR A 74 -17.59 12.47 -11.37
N ILE A 75 -18.00 11.25 -11.04
CA ILE A 75 -18.06 10.14 -11.98
C ILE A 75 -19.50 9.65 -12.05
N SER A 76 -20.15 9.90 -13.18
CA SER A 76 -21.51 9.44 -13.42
C SER A 76 -21.49 8.11 -14.18
N ASN A 77 -22.54 7.32 -13.99
CA ASN A 77 -22.67 6.02 -14.64
C ASN A 77 -21.40 5.19 -14.46
N LEU A 78 -21.09 4.91 -13.19
CA LEU A 78 -19.80 4.30 -12.84
C LEU A 78 -19.64 2.95 -13.51
N GLN A 79 -18.48 2.74 -14.11
CA GLN A 79 -18.15 1.55 -14.87
C GLN A 79 -17.14 0.69 -14.11
N PRO A 80 -17.02 -0.60 -14.46
CA PRO A 80 -16.08 -1.47 -13.72
C PRO A 80 -14.65 -0.95 -13.68
N GLU A 81 -14.18 -0.32 -14.76
CA GLU A 81 -12.81 0.20 -14.78
C GLU A 81 -12.64 1.44 -13.91
N ASP A 82 -13.71 1.97 -13.33
CA ASP A 82 -13.62 3.20 -12.55
C ASP A 82 -13.24 2.96 -11.09
N PHE A 83 -13.33 1.73 -10.61
CA PHE A 83 -12.95 1.43 -9.22
C PHE A 83 -11.44 1.52 -9.08
N ALA A 84 -10.96 2.58 -8.45
CA ALA A 84 -9.53 2.83 -8.29
C ALA A 84 -9.36 3.91 -7.23
N THR A 85 -8.13 4.37 -7.05
CA THR A 85 -7.83 5.50 -6.19
C THR A 85 -7.63 6.74 -7.05
N TYR A 86 -8.07 7.89 -6.54
CA TYR A 86 -7.99 9.14 -7.28
C TYR A 86 -7.26 10.19 -6.45
N TYR A 87 -6.39 10.95 -7.11
CA TYR A 87 -5.51 11.91 -6.45
C TYR A 87 -5.70 13.27 -7.07
N CYS A 88 -5.86 14.29 -6.23
CA CYS A 88 -5.75 15.66 -6.70
C CYS A 88 -4.33 16.18 -6.46
N GLN A 89 -3.94 17.15 -7.29
CA GLN A 89 -2.59 17.70 -7.23
C GLN A 89 -2.65 19.16 -7.64
N GLN A 90 -2.11 20.04 -6.79
CA GLN A 90 -2.10 21.45 -7.09
C GLN A 90 -0.81 21.81 -7.83
N SER A 91 -0.96 22.60 -8.90
CA SER A 91 0.18 23.10 -9.66
C SER A 91 0.39 24.60 -9.42
N PHE A 92 -0.16 25.13 -8.33
CA PHE A 92 -0.20 26.57 -8.12
C PHE A 92 1.16 27.13 -7.74
N LEU A 93 1.81 26.53 -6.74
CA LEU A 93 3.08 27.06 -6.26
C LEU A 93 3.96 25.94 -5.72
N PHE A 94 5.26 26.10 -5.92
CA PHE A 94 6.25 25.16 -5.40
C PHE A 94 6.30 25.25 -3.87
N PRO A 95 6.50 24.11 -3.18
CA PRO A 95 6.59 22.75 -3.71
C PRO A 95 5.24 22.11 -3.97
N TYR A 96 5.08 21.50 -5.14
CA TYR A 96 3.79 20.98 -5.54
C TYR A 96 3.46 19.71 -4.78
N THR A 97 2.18 19.53 -4.46
CA THR A 97 1.74 18.50 -3.53
C THR A 97 0.53 17.77 -4.07
N PHE A 98 0.38 16.52 -3.65
CA PHE A 98 -0.76 15.69 -3.98
C PHE A 98 -1.69 15.56 -2.78
N GLY A 99 -2.95 15.26 -3.07
CA GLY A 99 -3.87 14.86 -2.02
C GLY A 99 -3.58 13.45 -1.53
N GLY A 100 -4.17 13.11 -0.40
CA GLY A 100 -3.96 11.80 0.19
C GLY A 100 -4.55 10.65 -0.60
N GLY A 101 -5.41 10.93 -1.57
CA GLY A 101 -6.02 9.86 -2.34
C GLY A 101 -7.33 9.40 -1.74
N THR A 102 -8.19 8.87 -2.61
CA THR A 102 -9.51 8.41 -2.20
C THR A 102 -9.85 7.14 -2.96
N LYS A 103 -10.24 6.09 -2.24
CA LYS A 103 -10.47 4.79 -2.83
C LYS A 103 -11.94 4.64 -3.20
N VAL A 104 -12.21 4.40 -4.47
CA VAL A 104 -13.55 4.06 -4.94
C VAL A 104 -13.65 2.54 -4.99
N GLU A 105 -14.34 1.96 -4.01
CA GLU A 105 -14.41 0.51 -3.87
C GLU A 105 -15.83 0.02 -4.14
N VAL A 106 -15.96 -1.30 -4.23
CA VAL A 106 -17.24 -1.94 -4.52
C VAL A 106 -18.06 -1.97 -3.25
N GLU A 107 -19.27 -1.40 -3.31
CA GLU A 107 -20.15 -1.40 -2.15
C GLU A 107 -20.92 -2.71 -2.07
N ARG A 108 -21.10 -3.20 -0.85
CA ARG A 108 -21.89 -4.39 -0.61
C ARG A 108 -22.59 -4.23 0.73
N THR A 109 -23.32 -5.26 1.15
CA THR A 109 -23.96 -5.23 2.45
C THR A 109 -22.93 -5.40 3.56
N VAL A 110 -23.27 -4.92 4.74
CA VAL A 110 -22.37 -5.03 5.88
C VAL A 110 -22.22 -6.49 6.28
N ALA A 111 -21.01 -6.87 6.67
CA ALA A 111 -20.73 -8.23 7.13
C ALA A 111 -19.77 -8.14 8.30
N ALA A 112 -20.17 -8.73 9.43
CA ALA A 112 -19.32 -8.70 10.60
C ALA A 112 -18.12 -9.63 10.43
N PRO A 113 -16.96 -9.25 10.95
CA PRO A 113 -15.78 -10.11 10.84
C PRO A 113 -15.90 -11.34 11.74
N SER A 114 -15.29 -12.42 11.29
CA SER A 114 -15.05 -13.58 12.14
C SER A 114 -13.70 -13.38 12.82
N VAL A 115 -13.68 -13.40 14.14
CA VAL A 115 -12.46 -13.09 14.89
C VAL A 115 -11.84 -14.39 15.39
N PHE A 116 -10.52 -14.48 15.26
CA PHE A 116 -9.76 -15.64 15.72
C PHE A 116 -8.47 -15.17 16.36
N ILE A 117 -8.00 -15.90 17.36
CA ILE A 117 -6.70 -15.64 17.98
C ILE A 117 -5.82 -16.87 17.89
N PHE A 118 -4.52 -16.63 17.73
CA PHE A 118 -3.52 -17.68 17.65
C PHE A 118 -2.43 -17.34 18.65
N PRO A 119 -2.22 -18.14 19.68
CA PRO A 119 -1.08 -17.96 20.58
C PRO A 119 0.21 -18.32 19.88
N PRO A 120 1.37 -17.94 20.42
CA PRO A 120 2.63 -18.31 19.79
C PRO A 120 2.88 -19.81 19.90
N SER A 121 3.44 -20.38 18.84
CA SER A 121 3.77 -21.79 18.83
C SER A 121 5.01 -22.07 19.67
N ASP A 122 5.10 -23.30 20.18
CA ASP A 122 6.26 -23.68 20.98
C ASP A 122 7.55 -23.60 20.18
N GLU A 123 7.45 -23.74 18.85
CA GLU A 123 8.64 -23.68 18.01
C GLU A 123 9.25 -22.28 17.99
N GLN A 124 8.40 -21.24 17.88
CA GLN A 124 8.90 -19.88 17.97
C GLN A 124 9.36 -19.56 19.39
N LEU A 125 8.73 -20.16 20.40
CA LEU A 125 9.15 -19.93 21.78
C LEU A 125 10.54 -20.48 22.03
N LYS A 126 10.93 -21.56 21.34
CA LYS A 126 12.29 -22.07 21.46
C LYS A 126 13.32 -21.10 20.90
N SER A 127 12.91 -20.26 19.94
CA SER A 127 13.83 -19.31 19.34
C SER A 127 14.09 -18.10 20.24
N GLY A 128 13.09 -17.66 20.98
CA GLY A 128 13.26 -16.54 21.89
C GLY A 128 12.30 -15.39 21.63
N THR A 129 11.25 -15.66 20.84
CA THR A 129 10.26 -14.66 20.49
C THR A 129 8.87 -15.27 20.63
N ALA A 130 7.85 -14.41 20.73
CA ALA A 130 6.47 -14.84 20.85
C ALA A 130 5.60 -13.90 20.04
N SER A 131 4.91 -14.44 19.04
CA SER A 131 4.02 -13.67 18.20
C SER A 131 2.59 -14.14 18.44
N VAL A 132 1.73 -13.22 18.87
CA VAL A 132 0.30 -13.47 19.01
C VAL A 132 -0.39 -12.89 17.78
N VAL A 133 -1.29 -13.66 17.17
CA VAL A 133 -1.92 -13.25 15.92
C VAL A 133 -3.42 -13.14 16.12
N CYS A 134 -4.01 -12.08 15.58
CA CYS A 134 -5.45 -11.84 15.64
C CYS A 134 -5.95 -11.66 14.21
N LEU A 135 -6.93 -12.48 13.83
CA LEU A 135 -7.45 -12.51 12.47
C LEU A 135 -8.90 -12.05 12.44
N LEU A 136 -9.18 -11.08 11.58
CA LEU A 136 -10.53 -10.68 11.23
C LEU A 136 -10.83 -11.18 9.82
N ASN A 137 -11.93 -11.93 9.67
CA ASN A 137 -12.20 -12.67 8.46
C ASN A 137 -13.47 -12.15 7.80
N ASN A 138 -13.36 -11.73 6.55
CA ASN A 138 -14.47 -11.45 5.65
C ASN A 138 -15.48 -10.47 6.27
N PHE A 139 -15.01 -9.23 6.40
CA PHE A 139 -15.84 -8.17 6.95
C PHE A 139 -15.98 -7.02 5.95
N TYR A 140 -17.02 -6.22 6.17
CA TYR A 140 -17.29 -5.03 5.37
C TYR A 140 -18.20 -4.13 6.20
N PRO A 141 -17.96 -2.81 6.24
CA PRO A 141 -16.88 -2.08 5.55
C PRO A 141 -15.50 -2.28 6.19
N ARG A 142 -14.47 -1.67 5.59
CA ARG A 142 -13.10 -1.89 6.07
C ARG A 142 -12.85 -1.26 7.43
N GLU A 143 -13.61 -0.22 7.78
CA GLU A 143 -13.40 0.46 9.06
C GLU A 143 -13.58 -0.52 10.21
N ALA A 144 -12.50 -0.76 10.94
CA ALA A 144 -12.53 -1.67 12.08
C ALA A 144 -11.43 -1.27 13.05
N LYS A 145 -11.71 -1.44 14.34
CA LYS A 145 -10.76 -1.10 15.39
C LYS A 145 -10.32 -2.39 16.08
N VAL A 146 -9.01 -2.67 16.04
CA VAL A 146 -8.42 -3.83 16.71
C VAL A 146 -7.55 -3.31 17.85
N GLN A 147 -7.81 -3.81 19.05
CA GLN A 147 -7.10 -3.38 20.25
C GLN A 147 -6.42 -4.58 20.88
N TRP A 148 -5.11 -4.49 21.08
CA TRP A 148 -4.38 -5.51 21.81
C TRP A 148 -4.37 -5.16 23.29
N LYS A 149 -4.71 -6.13 24.13
CA LYS A 149 -4.69 -5.96 25.58
C LYS A 149 -3.86 -7.07 26.20
N VAL A 150 -2.89 -6.69 27.01
CA VAL A 150 -2.06 -7.62 27.76
C VAL A 150 -2.31 -7.32 29.24
N ASP A 151 -2.97 -8.25 29.94
CA ASP A 151 -3.39 -8.06 31.32
C ASP A 151 -4.16 -6.74 31.48
N ASN A 152 -5.12 -6.54 30.58
CA ASN A 152 -5.98 -5.35 30.51
C ASN A 152 -5.19 -4.07 30.25
N ALA A 153 -3.93 -4.17 29.84
CA ALA A 153 -3.14 -3.01 29.46
C ALA A 153 -3.19 -2.86 27.94
N LEU A 154 -3.60 -1.68 27.49
CA LEU A 154 -3.70 -1.41 26.05
C LEU A 154 -2.32 -1.29 25.44
N GLN A 155 -2.03 -2.11 24.44
CA GLN A 155 -0.79 -2.04 23.70
C GLN A 155 -0.92 -1.06 22.55
N SER A 156 0.10 -0.22 22.38
CA SER A 156 0.06 0.82 21.35
C SER A 156 1.48 1.01 20.81
N GLY A 157 1.72 0.49 19.60
CA GLY A 157 2.98 0.69 18.91
C GLY A 157 3.78 -0.57 18.68
N ASN A 158 3.56 -1.62 19.47
CA ASN A 158 4.33 -2.85 19.37
C ASN A 158 3.59 -3.94 18.59
N SER A 159 2.64 -3.55 17.73
CA SER A 159 1.95 -4.49 16.86
C SER A 159 1.90 -3.94 15.44
N GLN A 160 1.65 -4.83 14.49
CA GLN A 160 1.56 -4.44 13.09
C GLN A 160 0.43 -5.21 12.43
N GLU A 161 -0.33 -4.53 11.57
CA GLU A 161 -1.46 -5.16 10.90
C GLU A 161 -1.31 -5.05 9.39
N SER A 162 -2.10 -5.87 8.70
CA SER A 162 -2.08 -5.99 7.26
C SER A 162 -3.50 -6.29 6.78
N VAL A 163 -3.90 -5.63 5.70
CA VAL A 163 -5.26 -5.73 5.18
C VAL A 163 -5.19 -6.16 3.71
N THR A 164 -5.94 -7.19 3.37
CA THR A 164 -5.98 -7.66 2.00
C THR A 164 -6.76 -6.70 1.10
N GLU A 165 -6.57 -6.84 -0.19
CA GLU A 165 -7.38 -6.11 -1.16
C GLU A 165 -8.82 -6.62 -1.12
N GLN A 166 -9.74 -5.78 -1.55
CA GLN A 166 -11.15 -6.17 -1.60
C GLN A 166 -11.31 -7.40 -2.46
N ASP A 167 -12.00 -8.40 -1.93
CA ASP A 167 -12.15 -9.69 -2.61
C ASP A 167 -12.93 -9.52 -3.90
N SER A 168 -12.46 -10.19 -4.95
CA SER A 168 -13.13 -10.10 -6.24
C SER A 168 -14.48 -10.81 -6.24
N LYS A 169 -14.70 -11.74 -5.30
CA LYS A 169 -15.92 -12.55 -5.29
C LYS A 169 -16.99 -11.90 -4.41
N ASP A 170 -16.75 -11.83 -3.11
CA ASP A 170 -17.73 -11.31 -2.17
C ASP A 170 -17.45 -9.91 -1.68
N SER A 171 -16.38 -9.27 -2.16
CA SER A 171 -16.12 -7.84 -1.94
C SER A 171 -15.95 -7.50 -0.46
N THR A 172 -15.37 -8.40 0.32
CA THR A 172 -15.10 -8.16 1.73
C THR A 172 -13.60 -7.97 1.95
N TYR A 173 -13.24 -7.64 3.18
CA TYR A 173 -11.85 -7.46 3.58
C TYR A 173 -11.49 -8.47 4.66
N SER A 174 -10.19 -8.70 4.81
CA SER A 174 -9.65 -9.50 5.89
C SER A 174 -8.42 -8.81 6.46
N LEU A 175 -8.24 -8.92 7.77
CA LEU A 175 -7.18 -8.22 8.48
C LEU A 175 -6.41 -9.19 9.36
N SER A 176 -5.10 -9.02 9.40
CA SER A 176 -4.23 -9.79 10.27
C SER A 176 -3.41 -8.83 11.13
N SER A 177 -3.38 -9.06 12.44
CA SER A 177 -2.62 -8.21 13.35
C SER A 177 -1.69 -9.08 14.18
N THR A 178 -0.40 -8.76 14.16
CA THR A 178 0.61 -9.50 14.89
C THR A 178 1.17 -8.62 16.00
N LEU A 179 1.14 -9.15 17.22
CA LEU A 179 1.75 -8.54 18.39
C LEU A 179 2.96 -9.38 18.75
N THR A 180 4.15 -8.85 18.53
CA THR A 180 5.39 -9.59 18.74
C THR A 180 6.06 -9.09 19.99
N LEU A 181 6.22 -9.97 20.98
CA LEU A 181 7.02 -9.68 22.15
C LEU A 181 8.22 -10.63 22.18
N SER A 182 9.20 -10.29 23.02
CA SER A 182 10.30 -11.18 23.32
C SER A 182 9.86 -12.18 24.37
N LYS A 183 10.65 -13.24 24.54
CA LYS A 183 10.14 -14.38 25.28
C LYS A 183 10.03 -14.08 26.76
N ALA A 184 10.99 -13.33 27.31
CA ALA A 184 10.92 -12.96 28.73
C ALA A 184 9.81 -11.95 28.96
N ASP A 185 9.60 -11.04 28.00
CA ASP A 185 8.45 -10.15 28.06
C ASP A 185 7.13 -10.92 27.97
N TYR A 186 7.09 -11.97 27.15
CA TYR A 186 5.87 -12.76 27.03
C TYR A 186 5.60 -13.56 28.30
N GLU A 187 6.64 -14.08 28.94
CA GLU A 187 6.48 -14.88 30.15
C GLU A 187 6.08 -14.04 31.36
N LYS A 188 6.18 -12.72 31.29
CA LYS A 188 5.88 -11.88 32.44
C LYS A 188 4.39 -11.59 32.60
N HIS A 189 3.58 -11.87 31.58
CA HIS A 189 2.15 -11.58 31.62
C HIS A 189 1.36 -12.87 31.45
N LYS A 190 0.04 -12.77 31.69
CA LYS A 190 -0.83 -13.94 31.67
C LYS A 190 -1.93 -13.81 30.62
N VAL A 191 -2.74 -12.76 30.65
CA VAL A 191 -3.88 -12.63 29.76
C VAL A 191 -3.44 -11.91 28.49
N TYR A 192 -3.85 -12.44 27.34
CA TYR A 192 -3.59 -11.83 26.04
C TYR A 192 -4.89 -11.82 25.25
N ALA A 193 -5.31 -10.64 24.78
CA ALA A 193 -6.59 -10.51 24.11
C ALA A 193 -6.49 -9.53 22.96
N CYS A 194 -7.33 -9.75 21.95
CA CYS A 194 -7.62 -8.72 20.96
C CYS A 194 -9.12 -8.45 20.96
N GLU A 195 -9.46 -7.16 21.02
CA GLU A 195 -10.82 -6.67 21.06
C GLU A 195 -11.13 -5.98 19.74
N VAL A 196 -12.21 -6.39 19.10
CA VAL A 196 -12.55 -5.95 17.75
C VAL A 196 -13.86 -5.17 17.80
N THR A 197 -13.84 -3.97 17.24
CA THR A 197 -15.03 -3.13 17.09
C THR A 197 -15.28 -2.92 15.61
N HIS A 198 -16.51 -3.16 15.17
CA HIS A 198 -16.87 -3.05 13.78
C HIS A 198 -18.37 -2.79 13.68
N GLN A 199 -18.77 -2.20 12.55
CA GLN A 199 -20.18 -1.85 12.37
C GLN A 199 -21.09 -3.07 12.40
N GLY A 200 -20.59 -4.24 12.01
CA GLY A 200 -21.40 -5.44 11.94
C GLY A 200 -21.61 -6.16 13.25
N LEU A 201 -20.87 -5.80 14.30
CA LEU A 201 -21.02 -6.46 15.59
C LEU A 201 -22.04 -5.75 16.46
N SER A 202 -22.80 -6.52 17.23
CA SER A 202 -23.71 -5.93 18.21
C SER A 202 -22.95 -5.28 19.35
N SER A 203 -21.78 -5.80 19.68
CA SER A 203 -20.94 -5.27 20.73
C SER A 203 -19.50 -5.67 20.43
N PRO A 204 -18.51 -5.00 21.04
CA PRO A 204 -17.11 -5.38 20.79
C PRO A 204 -16.88 -6.85 21.12
N VAL A 205 -16.17 -7.54 20.23
CA VAL A 205 -15.89 -8.96 20.38
C VAL A 205 -14.45 -9.13 20.83
N THR A 206 -14.26 -9.75 21.99
CA THR A 206 -12.94 -9.96 22.56
C THR A 206 -12.59 -11.44 22.50
N LYS A 207 -11.41 -11.75 21.94
CA LYS A 207 -10.88 -13.10 21.96
C LYS A 207 -9.57 -13.09 22.74
N SER A 208 -9.47 -13.98 23.73
CA SER A 208 -8.40 -13.93 24.71
C SER A 208 -7.95 -15.34 25.09
N PHE A 209 -6.77 -15.41 25.68
CA PHE A 209 -6.24 -16.65 26.22
C PHE A 209 -5.23 -16.32 27.31
N ASN A 210 -5.07 -17.27 28.23
CA ASN A 210 -4.01 -17.18 29.23
C ASN A 210 -2.76 -17.87 28.72
N ARG A 211 -1.60 -17.35 29.10
CA ARG A 211 -0.33 -17.97 28.69
C ARG A 211 -0.33 -19.46 29.06
N GLY A 212 -0.91 -19.84 30.18
CA GLY A 212 -0.97 -21.28 30.51
C GLY A 212 -1.74 -22.08 29.47
N GLU A 213 -3.00 -21.70 29.25
CA GLU A 213 -4.04 -22.23 28.33
C GLU A 213 -5.37 -21.55 28.71
N GLU B 1 4.31 6.48 -30.51
CA GLU B 1 3.87 6.12 -29.16
C GLU B 1 4.72 6.81 -28.11
N VAL B 2 4.10 7.72 -27.37
CA VAL B 2 4.79 8.40 -26.27
C VAL B 2 4.97 7.41 -25.12
N GLN B 3 6.22 7.25 -24.68
CA GLN B 3 6.54 6.25 -23.67
C GLN B 3 7.65 6.76 -22.77
N LEU B 4 7.46 6.53 -21.46
CA LEU B 4 8.47 6.79 -20.45
C LEU B 4 8.68 5.49 -19.68
N VAL B 5 9.95 5.10 -19.51
CA VAL B 5 10.27 3.87 -18.80
C VAL B 5 11.51 4.10 -17.94
N GLU B 6 11.41 3.74 -16.66
CA GLU B 6 12.49 3.97 -15.72
C GLU B 6 13.28 2.68 -15.47
N SER B 7 14.44 2.85 -14.84
CA SER B 7 15.32 1.73 -14.52
C SER B 7 16.36 2.22 -13.53
N GLY B 8 17.17 1.29 -13.03
CA GLY B 8 18.27 1.61 -12.16
C GLY B 8 18.01 1.46 -10.68
N GLY B 9 16.79 1.10 -10.28
CA GLY B 9 16.50 0.90 -8.87
C GLY B 9 17.17 -0.35 -8.33
N GLY B 10 17.35 -0.35 -7.01
CA GLY B 10 18.00 -1.49 -6.37
C GLY B 10 17.85 -1.42 -4.88
N ILE B 11 18.47 -2.40 -4.22
CA ILE B 11 18.62 -2.39 -2.76
C ILE B 11 19.90 -1.67 -2.42
N VAL B 12 19.79 -0.56 -1.70
CA VAL B 12 20.93 0.28 -1.36
C VAL B 12 21.01 0.38 0.16
N GLN B 13 22.23 0.29 0.68
CA GLN B 13 22.43 0.46 2.11
C GLN B 13 22.29 1.92 2.50
N PRO B 14 21.84 2.20 3.72
CA PRO B 14 21.70 3.60 4.15
C PRO B 14 23.02 4.36 4.11
N GLY B 15 22.96 5.58 3.60
CA GLY B 15 24.14 6.40 3.41
C GLY B 15 24.74 6.34 2.02
N GLY B 16 24.39 5.32 1.23
CA GLY B 16 24.91 5.20 -0.11
C GLY B 16 24.16 6.06 -1.12
N SER B 17 24.56 5.92 -2.38
CA SER B 17 24.00 6.65 -3.50
C SER B 17 23.37 5.69 -4.49
N LEU B 18 22.50 6.22 -5.34
CA LEU B 18 21.87 5.43 -6.38
C LEU B 18 21.37 6.36 -7.47
N ARG B 19 21.62 6.02 -8.72
CA ARG B 19 21.14 6.80 -9.85
C ARG B 19 20.05 6.01 -10.56
N VAL B 20 18.83 6.54 -10.55
CA VAL B 20 17.75 5.99 -11.35
C VAL B 20 17.69 6.77 -12.64
N SER B 21 17.18 6.14 -13.69
CA SER B 21 17.18 6.75 -15.02
C SER B 21 15.82 6.57 -15.67
N CYS B 22 15.51 7.49 -16.58
CA CYS B 22 14.25 7.50 -17.31
C CYS B 22 14.56 7.64 -18.79
N ALA B 23 14.12 6.67 -19.58
CA ALA B 23 14.24 6.69 -21.02
C ALA B 23 12.90 7.10 -21.62
N ALA B 24 12.96 8.06 -22.54
CA ALA B 24 11.78 8.60 -23.20
C ALA B 24 11.79 8.23 -24.68
N SER B 25 10.59 8.13 -25.25
CA SER B 25 10.46 7.91 -26.68
C SER B 25 9.14 8.47 -27.16
N GLY B 26 9.09 8.85 -28.43
CA GLY B 26 7.90 9.42 -29.02
C GLY B 26 7.78 10.93 -28.91
N PHE B 27 8.73 11.59 -28.27
CA PHE B 27 8.67 13.05 -28.13
C PHE B 27 10.08 13.58 -27.89
N SER B 28 10.24 14.87 -28.17
CA SER B 28 11.52 15.55 -27.99
C SER B 28 11.70 15.89 -26.51
N LEU B 29 12.62 15.19 -25.84
CA LEU B 29 12.74 15.31 -24.40
C LEU B 29 13.13 16.72 -23.96
N SER B 30 13.93 17.41 -24.76
CA SER B 30 14.43 18.73 -24.37
C SER B 30 13.36 19.80 -24.34
N ASP B 31 12.18 19.55 -24.94
CA ASP B 31 11.14 20.56 -25.04
C ASP B 31 10.11 20.49 -23.92
N HIS B 32 10.21 19.52 -23.01
CA HIS B 32 9.26 19.38 -21.92
C HIS B 32 9.96 19.50 -20.58
N TYR B 33 9.19 19.92 -19.58
CA TYR B 33 9.58 19.74 -18.19
C TYR B 33 9.45 18.26 -17.82
N MET B 34 10.33 17.80 -16.93
CA MET B 34 10.32 16.40 -16.50
C MET B 34 10.37 16.36 -14.99
N ASP B 35 9.38 15.72 -14.38
CA ASP B 35 9.29 15.61 -12.93
C ASP B 35 9.58 14.19 -12.47
N TRP B 36 9.98 14.10 -11.20
CA TRP B 36 10.13 12.84 -10.49
C TRP B 36 9.15 12.86 -9.33
N VAL B 37 8.33 11.81 -9.25
CA VAL B 37 7.38 11.60 -8.15
C VAL B 37 7.73 10.27 -7.50
N ARG B 38 7.37 10.11 -6.23
CA ARG B 38 7.63 8.85 -5.56
C ARG B 38 6.43 8.42 -4.73
N GLN B 39 6.36 7.13 -4.47
CA GLN B 39 5.23 6.52 -3.76
C GLN B 39 5.76 5.39 -2.89
N ALA B 40 5.71 5.57 -1.57
CA ALA B 40 6.06 4.50 -0.66
C ALA B 40 5.02 3.38 -0.76
N PRO B 41 5.41 2.13 -0.49
CA PRO B 41 4.47 1.02 -0.65
C PRO B 41 3.26 1.17 0.25
N GLY B 42 2.07 1.18 -0.35
CA GLY B 42 0.84 1.32 0.40
C GLY B 42 0.48 2.72 0.80
N ARG B 43 1.06 3.73 0.15
CA ARG B 43 0.81 5.12 0.50
C ARG B 43 0.51 5.89 -0.79
N GLY B 44 0.59 7.22 -0.73
CA GLY B 44 0.21 8.08 -1.82
C GLY B 44 1.39 8.68 -2.57
N LEU B 45 1.06 9.46 -3.59
CA LEU B 45 2.06 10.10 -4.42
C LEU B 45 2.74 11.25 -3.67
N GLU B 46 4.03 11.41 -3.92
CA GLU B 46 4.80 12.50 -3.33
C GLU B 46 5.70 13.10 -4.41
N TRP B 47 5.49 14.39 -4.69
CA TRP B 47 6.30 15.09 -5.69
C TRP B 47 7.73 15.24 -5.18
N VAL B 48 8.70 14.75 -5.97
CA VAL B 48 10.10 14.78 -5.57
C VAL B 48 10.80 15.98 -6.19
N GLY B 49 10.78 16.06 -7.51
CA GLY B 49 11.59 17.11 -8.13
C GLY B 49 11.17 17.40 -9.56
N ARG B 50 11.85 18.41 -10.13
CA ARG B 50 11.53 18.92 -11.46
C ARG B 50 12.78 19.41 -12.16
N SER B 51 12.87 19.12 -13.46
CA SER B 51 13.92 19.63 -14.33
C SER B 51 13.24 20.33 -15.52
N ARG B 52 13.60 21.58 -15.75
CA ARG B 52 12.94 22.38 -16.77
C ARG B 52 13.49 22.07 -18.16
N ASN B 53 12.77 22.56 -19.18
CA ASN B 53 13.11 22.27 -20.56
C ASN B 53 14.27 23.16 -21.02
N LYS B 54 14.54 23.14 -22.33
CA LYS B 54 15.67 23.90 -22.85
C LYS B 54 15.44 25.40 -22.82
N GLU B 55 14.18 25.83 -22.93
CA GLU B 55 13.89 27.26 -22.91
C GLU B 55 14.22 27.88 -21.56
N ASN B 56 14.20 27.09 -20.49
CA ASN B 56 14.52 27.56 -19.15
C ASN B 56 15.86 27.06 -18.65
N SER B 57 16.77 26.71 -19.56
CA SER B 57 18.17 26.39 -19.24
C SER B 57 18.28 25.17 -18.32
N PHE B 58 17.31 24.27 -18.38
CA PHE B 58 17.35 22.99 -17.65
C PHE B 58 17.54 23.18 -16.14
N THR B 59 16.97 24.24 -15.59
CA THR B 59 17.10 24.48 -14.15
C THR B 59 16.23 23.48 -13.38
N THR B 60 16.72 23.08 -12.20
CA THR B 60 16.09 22.04 -11.42
C THR B 60 15.63 22.58 -10.07
N GLU B 61 14.65 21.89 -9.49
CA GLU B 61 14.16 22.20 -8.15
C GLU B 61 13.65 20.92 -7.50
N PHE B 62 13.66 20.90 -6.17
CA PHE B 62 13.36 19.68 -5.43
C PHE B 62 12.54 19.99 -4.19
N ALA B 63 11.79 18.99 -3.75
CA ALA B 63 11.07 19.08 -2.48
C ALA B 63 12.08 19.24 -1.33
N ALA B 64 11.60 19.79 -0.22
CA ALA B 64 12.48 20.10 0.90
C ALA B 64 13.08 18.84 1.51
N SER B 65 12.39 17.70 1.41
CA SER B 65 12.85 16.48 2.05
C SER B 65 13.98 15.80 1.30
N VAL B 66 14.30 16.22 0.08
CA VAL B 66 15.38 15.64 -0.69
C VAL B 66 16.23 16.75 -1.30
N ARG B 67 15.98 17.99 -0.88
CA ARG B 67 16.56 19.14 -1.56
C ARG B 67 18.09 19.13 -1.49
N ARG B 68 18.64 18.83 -0.32
CA ARG B 68 20.09 18.80 -0.14
C ARG B 68 20.70 17.44 -0.48
N ARG B 69 19.97 16.58 -1.19
CA ARG B 69 20.47 15.24 -1.47
C ARG B 69 20.25 14.75 -2.90
N PHE B 70 19.28 15.26 -3.64
CA PHE B 70 18.97 14.75 -4.97
C PHE B 70 19.43 15.73 -6.04
N THR B 71 19.77 15.18 -7.21
CA THR B 71 20.27 15.97 -8.33
C THR B 71 19.70 15.39 -9.62
N ILE B 72 19.47 16.24 -10.61
CA ILE B 72 18.92 15.84 -11.91
C ILE B 72 19.95 16.12 -13.00
N SER B 73 20.09 15.18 -13.92
CA SER B 73 20.94 15.34 -15.09
C SER B 73 20.14 14.97 -16.34
N ARG B 74 20.31 15.75 -17.40
CA ARG B 74 19.61 15.53 -18.66
C ARG B 74 20.60 15.24 -19.76
N ASP B 75 20.42 14.11 -20.45
CA ASP B 75 21.16 13.79 -21.66
C ASP B 75 20.12 13.72 -22.78
N ASP B 76 19.76 14.88 -23.31
CA ASP B 76 18.74 14.95 -24.35
C ASP B 76 19.22 14.37 -25.67
N SER B 77 20.54 14.28 -25.87
CA SER B 77 21.06 13.63 -27.08
C SER B 77 20.71 12.15 -27.10
N ASN B 78 20.61 11.52 -25.93
CA ASN B 78 20.24 10.12 -25.82
C ASN B 78 18.84 9.94 -25.23
N SER B 79 18.12 11.04 -25.00
CA SER B 79 16.78 11.02 -24.40
C SER B 79 16.79 10.29 -23.06
N LEU B 80 17.66 10.75 -22.15
CA LEU B 80 17.79 10.15 -20.83
C LEU B 80 17.69 11.21 -19.75
N LEU B 81 17.04 10.85 -18.65
CA LEU B 81 16.88 11.73 -17.49
C LEU B 81 17.31 10.97 -16.25
N HIS B 82 18.37 11.43 -15.60
CA HIS B 82 18.96 10.74 -14.46
C HIS B 82 18.62 11.48 -13.17
N LEU B 83 18.14 10.74 -12.17
CA LEU B 83 17.95 11.23 -10.82
C LEU B 83 18.99 10.58 -9.93
N GLN B 84 19.94 11.39 -9.46
CA GLN B 84 21.00 10.95 -8.56
C GLN B 84 20.56 11.21 -7.12
N MET B 85 20.46 10.15 -6.33
CA MET B 85 20.03 10.23 -4.94
C MET B 85 21.19 9.84 -4.04
N ASN B 86 21.68 10.79 -3.26
CA ASN B 86 22.83 10.57 -2.39
C ASN B 86 22.41 10.63 -0.93
N ASN B 87 23.19 9.98 -0.09
CA ASN B 87 22.94 9.89 1.36
C ASN B 87 21.51 9.43 1.62
N LEU B 88 21.19 8.26 1.08
CA LEU B 88 19.83 7.75 1.13
C LEU B 88 19.44 7.37 2.55
N LYS B 89 18.18 7.60 2.89
CA LYS B 89 17.62 7.28 4.18
C LYS B 89 16.59 6.17 4.05
N SER B 90 16.21 5.60 5.20
CA SER B 90 15.20 4.54 5.20
C SER B 90 13.88 5.02 4.61
N GLU B 91 13.54 6.29 4.84
CA GLU B 91 12.28 6.83 4.34
C GLU B 91 12.29 7.07 2.84
N ASP B 92 13.45 6.99 2.19
CA ASP B 92 13.51 7.14 0.74
C ASP B 92 12.99 5.92 0.00
N THR B 93 12.66 4.84 0.71
CA THR B 93 12.18 3.61 0.07
C THR B 93 10.83 3.87 -0.59
N ALA B 94 10.78 3.75 -1.92
CA ALA B 94 9.56 4.03 -2.66
C ALA B 94 9.73 3.60 -4.11
N VAL B 95 8.61 3.56 -4.83
CA VAL B 95 8.63 3.49 -6.28
C VAL B 95 8.79 4.90 -6.82
N TYR B 96 9.74 5.09 -7.72
CA TYR B 96 10.04 6.39 -8.31
C TYR B 96 9.51 6.40 -9.74
N PHE B 97 8.55 7.28 -10.00
CA PHE B 97 7.96 7.49 -11.31
C PHE B 97 8.61 8.70 -11.97
N CYS B 98 9.02 8.52 -13.22
CA CYS B 98 9.40 9.61 -14.10
C CYS B 98 8.17 10.10 -14.84
N ALA B 99 8.04 11.42 -14.99
CA ALA B 99 6.78 11.99 -15.45
C ALA B 99 7.04 13.14 -16.41
N ARG B 100 6.30 13.17 -17.51
CA ARG B 100 6.39 14.26 -18.46
C ARG B 100 5.40 15.34 -18.08
N VAL B 101 5.84 16.60 -18.10
CA VAL B 101 5.00 17.74 -17.74
C VAL B 101 4.60 18.46 -19.01
N GLY B 102 3.31 18.71 -19.17
CA GLY B 102 2.78 19.46 -20.30
C GLY B 102 2.09 20.72 -19.81
N TYR B 103 2.28 21.81 -20.56
CA TYR B 103 1.66 23.08 -20.24
C TYR B 103 0.45 23.32 -21.13
N TYR B 104 -0.61 23.86 -20.54
CA TYR B 104 -1.77 24.33 -21.29
C TYR B 104 -1.82 25.85 -21.24
N ASP B 105 -2.43 26.43 -22.28
CA ASP B 105 -2.53 27.89 -22.40
C ASP B 105 -1.16 28.55 -22.28
N LEU B 106 -0.19 28.00 -23.01
CA LEU B 106 1.19 28.46 -22.90
C LEU B 106 1.39 29.87 -23.43
N TRP B 107 0.38 30.45 -24.10
CA TRP B 107 0.45 31.86 -24.44
C TRP B 107 0.67 32.73 -23.20
N SER B 108 0.23 32.24 -22.04
CA SER B 108 0.38 32.96 -20.78
C SER B 108 1.73 32.74 -20.12
N GLY B 109 2.57 31.86 -20.67
CA GLY B 109 3.89 31.65 -20.13
C GLY B 109 3.99 30.43 -19.25
N TYR B 110 5.16 30.29 -18.63
CA TYR B 110 5.46 29.16 -17.75
C TYR B 110 5.08 29.52 -16.32
N SER B 111 3.79 29.35 -16.01
CA SER B 111 3.30 29.61 -14.67
C SER B 111 2.84 28.30 -14.02
N GLY B 112 1.71 28.34 -13.33
CA GLY B 112 1.13 27.15 -12.74
C GLY B 112 0.23 26.36 -13.66
N ASN B 113 0.22 26.69 -14.96
CA ASN B 113 -0.68 26.06 -15.92
C ASN B 113 -0.04 24.82 -16.54
N TRP B 114 0.23 23.83 -15.69
CA TRP B 114 0.85 22.60 -16.15
C TRP B 114 0.20 21.39 -15.47
N TYR B 115 0.32 20.24 -16.14
CA TYR B 115 -0.11 18.97 -15.60
C TYR B 115 0.96 17.93 -15.90
N ILE B 116 0.67 16.69 -15.53
CA ILE B 116 1.55 15.55 -15.79
C ILE B 116 0.76 14.57 -16.63
N ASP B 117 1.06 14.51 -17.93
CA ASP B 117 0.23 13.75 -18.86
C ASP B 117 0.75 12.34 -19.14
N VAL B 118 2.01 12.05 -18.86
CA VAL B 118 2.58 10.73 -19.13
C VAL B 118 3.41 10.30 -17.92
N TRP B 119 3.05 9.16 -17.34
CA TRP B 119 3.77 8.57 -16.22
C TRP B 119 4.51 7.31 -16.68
N GLY B 120 5.70 7.09 -16.13
CA GLY B 120 6.44 5.88 -16.40
C GLY B 120 6.04 4.73 -15.49
N ARG B 121 6.62 3.59 -15.73
CA ARG B 121 6.38 2.34 -14.97
C ARG B 121 6.77 2.54 -13.50
N GLY B 122 7.84 3.26 -13.24
CA GLY B 122 8.32 3.39 -11.87
C GLY B 122 9.37 2.35 -11.55
N THR B 123 10.33 2.73 -10.77
CA THR B 123 11.36 1.79 -10.36
C THR B 123 11.46 1.79 -8.84
N LEU B 124 11.46 0.60 -8.27
CA LEU B 124 11.50 0.46 -6.80
C LEU B 124 12.91 0.64 -6.27
N VAL B 125 13.02 1.46 -5.25
CA VAL B 125 14.25 1.70 -4.48
C VAL B 125 13.97 1.39 -3.01
N ILE B 126 14.75 0.49 -2.45
CA ILE B 126 14.62 0.12 -1.05
C ILE B 126 15.95 0.38 -0.36
N VAL B 127 15.92 1.16 0.70
CA VAL B 127 17.11 1.50 1.48
C VAL B 127 17.07 0.67 2.76
N SER B 128 17.92 -0.36 2.82
CA SER B 128 17.91 -1.27 3.95
C SER B 128 19.33 -1.75 4.24
N SER B 129 19.56 -2.13 5.49
CA SER B 129 20.81 -2.75 5.92
C SER B 129 20.71 -4.25 6.03
N ALA B 130 19.52 -4.82 5.80
CA ALA B 130 19.34 -6.27 5.95
C ALA B 130 19.97 -7.02 4.78
N SER B 131 20.46 -8.21 5.07
CA SER B 131 21.02 -9.11 4.09
C SER B 131 20.03 -10.25 3.81
N THR B 132 20.30 -11.00 2.75
CA THR B 132 19.42 -12.08 2.36
C THR B 132 19.28 -13.10 3.49
N LYS B 133 18.04 -13.43 3.83
CA LYS B 133 17.76 -14.37 4.91
C LYS B 133 16.47 -15.12 4.62
N GLY B 134 16.51 -16.44 4.79
CA GLY B 134 15.33 -17.26 4.65
C GLY B 134 14.43 -17.14 5.86
N PRO B 135 13.14 -17.39 5.68
CA PRO B 135 12.18 -17.21 6.77
C PRO B 135 12.03 -18.46 7.63
N SER B 136 11.50 -18.23 8.83
CA SER B 136 11.03 -19.29 9.71
C SER B 136 9.51 -19.40 9.57
N VAL B 137 9.02 -20.63 9.50
CA VAL B 137 7.61 -20.89 9.28
C VAL B 137 7.04 -21.53 10.54
N PHE B 138 6.17 -20.80 11.24
CA PHE B 138 5.54 -21.29 12.45
C PHE B 138 4.07 -21.57 12.19
N PRO B 139 3.46 -22.50 12.94
CA PRO B 139 2.04 -22.81 12.72
C PRO B 139 1.12 -21.94 13.56
N LEU B 140 0.07 -21.39 12.92
CA LEU B 140 -1.05 -20.79 13.63
C LEU B 140 -2.11 -21.88 13.72
N ALA B 141 -2.07 -22.63 14.82
CA ALA B 141 -2.84 -23.85 14.96
C ALA B 141 -4.29 -23.54 15.32
N PRO B 142 -5.25 -24.28 14.75
CA PRO B 142 -6.65 -24.07 15.12
C PRO B 142 -6.94 -24.62 16.51
N SER B 143 -7.81 -23.92 17.23
CA SER B 143 -8.18 -24.32 18.59
C SER B 143 -9.57 -23.77 18.88
N SER B 144 -10.01 -23.92 20.13
CA SER B 144 -11.33 -23.42 20.52
C SER B 144 -11.42 -21.92 20.30
N LYS B 145 -10.35 -21.20 20.57
CA LYS B 145 -10.30 -19.75 20.32
C LYS B 145 -10.11 -19.41 18.84
N SER B 146 -10.15 -20.41 17.95
CA SER B 146 -10.11 -20.17 16.51
C SER B 146 -11.27 -20.83 15.79
N THR B 147 -12.37 -20.96 16.52
CA THR B 147 -13.59 -21.55 15.97
C THR B 147 -14.74 -20.56 16.09
N SER B 148 -15.58 -20.49 15.06
CA SER B 148 -16.77 -19.62 14.98
C SER B 148 -17.98 -20.41 14.51
N GLY B 149 -18.48 -21.31 15.33
CA GLY B 149 -19.71 -22.08 15.06
C GLY B 149 -19.71 -22.91 13.78
N GLY B 150 -18.78 -23.85 13.71
CA GLY B 150 -18.60 -24.76 12.57
C GLY B 150 -17.45 -24.32 11.71
N THR B 151 -16.96 -23.12 11.91
CA THR B 151 -15.84 -22.65 11.09
C THR B 151 -14.58 -22.55 11.95
N ALA B 152 -13.49 -23.07 11.46
CA ALA B 152 -12.23 -22.95 12.19
C ALA B 152 -11.22 -22.26 11.30
N ALA B 153 -10.27 -21.60 11.92
CA ALA B 153 -9.22 -20.90 11.19
C ALA B 153 -7.86 -21.49 11.55
N LEU B 154 -7.03 -21.69 10.54
CA LEU B 154 -5.66 -22.16 10.75
C LEU B 154 -4.75 -21.45 9.76
N GLY B 155 -3.45 -21.56 9.97
CA GLY B 155 -2.56 -20.91 9.03
C GLY B 155 -1.10 -21.07 9.38
N CYS B 156 -0.29 -20.24 8.73
CA CYS B 156 1.16 -20.24 8.89
C CYS B 156 1.67 -18.82 8.98
N LEU B 157 2.67 -18.62 9.85
CA LEU B 157 3.33 -17.33 10.05
C LEU B 157 4.74 -17.45 9.48
N VAL B 158 5.01 -16.71 8.42
CA VAL B 158 6.30 -16.72 7.73
C VAL B 158 7.04 -15.46 8.19
N LYS B 159 7.98 -15.70 9.08
CA LYS B 159 8.64 -14.60 9.81
C LYS B 159 10.13 -14.50 9.52
N ASP B 160 10.63 -13.26 9.60
CA ASP B 160 12.04 -12.82 9.52
C ASP B 160 12.72 -13.25 8.24
N TYR B 161 12.30 -12.70 7.12
CA TYR B 161 12.94 -12.98 5.82
C TYR B 161 13.27 -11.66 5.10
N PHE B 162 14.28 -11.69 4.26
CA PHE B 162 14.65 -10.55 3.45
C PHE B 162 15.37 -11.06 2.21
N PRO B 163 15.07 -10.53 1.01
CA PRO B 163 14.00 -9.56 0.81
C PRO B 163 12.70 -10.22 0.37
N GLU B 164 11.74 -9.41 -0.08
CA GLU B 164 10.53 -9.92 -0.68
C GLU B 164 10.87 -10.61 -2.01
N PRO B 165 10.00 -11.51 -2.48
CA PRO B 165 8.79 -12.02 -1.82
C PRO B 165 8.91 -13.47 -1.39
N VAL B 166 7.89 -13.96 -0.69
CA VAL B 166 7.71 -15.39 -0.49
C VAL B 166 6.37 -15.77 -1.11
N THR B 167 6.27 -17.01 -1.56
CA THR B 167 5.03 -17.56 -2.10
C THR B 167 4.51 -18.64 -1.16
N VAL B 168 3.20 -18.64 -0.94
CA VAL B 168 2.55 -19.56 -0.02
C VAL B 168 1.39 -20.24 -0.74
N SER B 169 1.35 -21.56 -0.66
CA SER B 169 0.22 -22.35 -1.15
C SER B 169 -0.24 -23.28 -0.03
N TRP B 170 -1.37 -23.94 -0.25
CA TRP B 170 -1.94 -24.85 0.73
C TRP B 170 -2.25 -26.18 0.06
N ASN B 171 -1.67 -27.26 0.60
CA ASN B 171 -1.82 -28.61 0.07
C ASN B 171 -1.41 -28.66 -1.41
N SER B 172 -0.25 -28.07 -1.70
CA SER B 172 0.33 -28.04 -3.04
C SER B 172 -0.59 -27.38 -4.07
N GLY B 173 -1.52 -26.55 -3.62
CA GLY B 173 -2.47 -25.89 -4.49
C GLY B 173 -3.85 -26.51 -4.51
N VAL B 174 -4.05 -27.65 -3.83
CA VAL B 174 -5.36 -28.28 -3.80
C VAL B 174 -6.38 -27.40 -3.09
N LEU B 175 -5.95 -26.68 -2.07
CA LEU B 175 -6.85 -25.89 -1.22
C LEU B 175 -6.78 -24.43 -1.63
N THR B 176 -7.89 -23.88 -2.10
CA THR B 176 -7.97 -22.49 -2.53
C THR B 176 -9.11 -21.73 -1.84
N SER B 177 -10.25 -22.36 -1.60
CA SER B 177 -11.39 -21.66 -1.03
C SER B 177 -11.14 -21.34 0.44
N GLY B 178 -11.34 -20.08 0.81
CA GLY B 178 -11.13 -19.64 2.17
C GLY B 178 -9.72 -19.23 2.51
N VAL B 179 -8.83 -19.14 1.53
CA VAL B 179 -7.42 -18.82 1.77
C VAL B 179 -7.21 -17.31 1.64
N HIS B 180 -6.60 -16.73 2.66
CA HIS B 180 -6.20 -15.32 2.66
C HIS B 180 -4.72 -15.24 2.99
N THR B 181 -3.90 -14.91 2.00
CA THR B 181 -2.48 -14.65 2.22
C THR B 181 -2.29 -13.13 2.31
N PHE B 182 -1.85 -12.67 3.45
CA PHE B 182 -1.81 -11.23 3.66
C PHE B 182 -0.50 -10.65 3.13
N PRO B 183 -0.53 -9.40 2.68
CA PRO B 183 0.71 -8.72 2.31
C PRO B 183 1.64 -8.59 3.51
N ALA B 184 2.93 -8.73 3.25
CA ALA B 184 3.90 -8.72 4.33
C ALA B 184 4.04 -7.34 4.94
N VAL B 185 4.45 -7.31 6.20
CA VAL B 185 4.80 -6.07 6.89
C VAL B 185 6.30 -6.06 7.13
N LEU B 186 6.86 -4.86 7.25
CA LEU B 186 8.27 -4.69 7.53
C LEU B 186 8.45 -4.41 9.02
N GLN B 187 9.21 -5.26 9.69
CA GLN B 187 9.39 -5.14 11.13
C GLN B 187 10.48 -4.12 11.45
N SER B 188 10.60 -3.80 12.74
CA SER B 188 11.61 -2.83 13.18
C SER B 188 13.02 -3.32 12.89
N SER B 189 13.21 -4.64 12.81
CA SER B 189 14.53 -5.22 12.56
C SER B 189 14.95 -5.14 11.10
N GLY B 190 14.07 -4.71 10.21
CA GLY B 190 14.36 -4.70 8.79
C GLY B 190 14.01 -5.97 8.05
N LEU B 191 13.40 -6.94 8.73
CA LEU B 191 13.00 -8.20 8.11
C LEU B 191 11.48 -8.22 7.93
N TYR B 192 11.02 -8.99 6.96
CA TYR B 192 9.61 -9.07 6.63
C TYR B 192 8.92 -10.21 7.36
N SER B 193 7.61 -10.08 7.51
CA SER B 193 6.78 -11.11 8.11
C SER B 193 5.41 -11.05 7.50
N LEU B 194 4.85 -12.23 7.19
CA LEU B 194 3.49 -12.30 6.66
C LEU B 194 2.76 -13.49 7.27
N SER B 195 1.45 -13.49 7.07
CA SER B 195 0.56 -14.54 7.56
C SER B 195 -0.25 -15.08 6.40
N SER B 196 -0.51 -16.39 6.42
CA SER B 196 -1.40 -17.02 5.46
C SER B 196 -2.40 -17.87 6.22
N VAL B 197 -3.69 -17.57 6.06
CA VAL B 197 -4.74 -18.21 6.83
C VAL B 197 -5.71 -18.90 5.89
N VAL B 198 -6.43 -19.89 6.43
CA VAL B 198 -7.51 -20.55 5.72
C VAL B 198 -8.58 -20.93 6.74
N THR B 199 -9.83 -20.74 6.35
CA THR B 199 -10.98 -21.13 7.15
C THR B 199 -11.57 -22.41 6.57
N VAL B 200 -11.78 -23.41 7.41
CA VAL B 200 -12.24 -24.72 7.00
C VAL B 200 -13.39 -25.16 7.91
N PRO B 201 -14.14 -26.20 7.56
CA PRO B 201 -15.09 -26.76 8.53
C PRO B 201 -14.36 -27.29 9.75
N SER B 202 -14.83 -26.88 10.94
CA SER B 202 -14.23 -27.37 12.17
C SER B 202 -14.36 -28.88 12.32
N SER B 203 -15.35 -29.49 11.65
CA SER B 203 -15.48 -30.94 11.66
C SER B 203 -14.40 -31.63 10.84
N SER B 204 -13.63 -30.89 10.04
CA SER B 204 -12.56 -31.46 9.24
C SER B 204 -11.22 -31.47 9.98
N LEU B 205 -11.14 -30.84 11.15
CA LEU B 205 -9.90 -30.86 11.92
C LEU B 205 -9.65 -32.25 12.49
N GLY B 206 -8.40 -32.70 12.38
CA GLY B 206 -8.04 -34.04 12.80
C GLY B 206 -8.26 -35.12 11.77
N THR B 207 -9.16 -34.91 10.81
CA THR B 207 -9.42 -35.89 9.76
C THR B 207 -8.95 -35.45 8.39
N GLN B 208 -8.69 -34.15 8.20
CA GLN B 208 -8.17 -33.63 6.94
C GLN B 208 -6.81 -33.00 7.18
N THR B 209 -5.86 -33.30 6.31
CA THR B 209 -4.49 -32.81 6.46
C THR B 209 -4.35 -31.46 5.76
N TYR B 210 -3.75 -30.50 6.46
CA TYR B 210 -3.51 -29.16 5.94
C TYR B 210 -2.02 -28.86 6.00
N ILE B 211 -1.42 -28.58 4.85
CA ILE B 211 0.00 -28.27 4.75
C ILE B 211 0.15 -26.93 4.05
N CYS B 212 1.00 -26.06 4.59
CA CYS B 212 1.33 -24.80 3.94
C CYS B 212 2.72 -24.92 3.32
N ASN B 213 2.81 -24.59 2.03
CA ASN B 213 4.05 -24.66 1.28
C ASN B 213 4.57 -23.24 1.10
N VAL B 214 5.76 -22.97 1.64
CA VAL B 214 6.37 -21.65 1.60
C VAL B 214 7.64 -21.74 0.77
N ASN B 215 7.83 -20.78 -0.13
CA ASN B 215 9.02 -20.70 -0.97
C ASN B 215 9.54 -19.27 -0.97
N HIS B 216 10.76 -19.10 -0.46
CA HIS B 216 11.48 -17.83 -0.50
C HIS B 216 12.68 -18.03 -1.42
N LYS B 217 12.50 -17.71 -2.70
CA LYS B 217 13.48 -17.95 -3.75
C LYS B 217 14.77 -17.15 -3.60
N PRO B 218 14.75 -15.88 -3.14
CA PRO B 218 16.02 -15.17 -2.94
C PRO B 218 17.01 -15.91 -2.05
N SER B 219 16.54 -16.72 -1.11
CA SER B 219 17.41 -17.57 -0.31
C SER B 219 17.25 -19.04 -0.66
N ASN B 220 16.57 -19.35 -1.77
CA ASN B 220 16.19 -20.70 -2.18
C ASN B 220 15.80 -21.57 -0.97
N THR B 221 14.89 -21.04 -0.17
CA THR B 221 14.32 -21.75 0.96
C THR B 221 12.95 -22.29 0.57
N LYS B 222 12.71 -23.55 0.87
CA LYS B 222 11.43 -24.17 0.55
C LYS B 222 11.04 -25.10 1.70
N VAL B 223 9.85 -24.88 2.25
CA VAL B 223 9.41 -25.61 3.43
C VAL B 223 7.95 -26.03 3.25
N ASP B 224 7.64 -27.24 3.73
CA ASP B 224 6.28 -27.76 3.79
C ASP B 224 5.93 -27.97 5.25
N LYS B 225 5.08 -27.10 5.79
CA LYS B 225 4.77 -27.08 7.21
C LYS B 225 3.37 -27.64 7.42
N LYS B 226 3.27 -28.73 8.17
CA LYS B 226 1.98 -29.29 8.55
C LYS B 226 1.44 -28.55 9.76
N VAL B 227 0.16 -28.18 9.71
CA VAL B 227 -0.50 -27.45 10.79
C VAL B 227 -1.53 -28.38 11.41
N GLU B 228 -1.32 -28.74 12.68
CA GLU B 228 -2.21 -29.65 13.38
C GLU B 228 -2.99 -28.91 14.47
N PRO B 229 -4.16 -29.41 14.86
CA PRO B 229 -4.95 -28.75 15.89
C PRO B 229 -4.22 -28.74 17.23
N LYS B 230 -4.60 -27.77 18.07
CA LYS B 230 -3.98 -27.61 19.38
C LYS B 230 -4.97 -27.98 20.49
#